data_1VCJ
#
_entry.id   1VCJ
#
_cell.length_a   124.360
_cell.length_b   124.360
_cell.length_c   71.470
_cell.angle_alpha   90.00
_cell.angle_beta   90.00
_cell.angle_gamma   90.00
#
_symmetry.space_group_name_H-M   'P 4 21 2'
#
loop_
_entity.id
_entity.type
_entity.pdbx_description
1 polymer NEURAMINIDASE
2 non-polymer '4-[(2R)-2-(AMINOMETHYL)-2-(HYDROXYMETHYL)-5-OXOPYRROLIDIN-1-YL]-3-[(1-ETHYLPROPYL)AMINO]BENZOIC ACID'
3 water water
#
_entity_poly.entity_id   1
_entity_poly.type   'polypeptide(L)'
_entity_poly.pdbx_seq_one_letter_code
;PEWTYPRLSCQGSTFQKALLISPHRFGEIKGNSAPLIIREPFVACGPKECRHFALTHYAAQPGGYYNGTRKDRNKLRHLV
SVKLGKIPTVENSIFHMAAWSGSACHDGREWTYIGVDGPDNDALVKIKYGEAYTDTYHSYAHNILRTQESACNCIGGDCY
LMITDGSASGISKCRFLKIREGRIIKEILPTGRVEHTEECTCGFASNKTIECACRDNSYTAKRPFVKLNVETDTAEIRLM
CTKTYLDTPRPDDGSIAGPCESNGDKWLGGIKGGFVHQRMASKIGRWYSRTMSKTNRMGMELYVRYDGDPWTDSDALTLS
GVMVSIEEPGWYSFGFEIKDKKCDVPCIGIEMVHDGGKDTWHSAATAIYCLMGSGQLLWDTVTGVDMAL
;
_entity_poly.pdbx_strand_id   A
#
loop_
_chem_comp.id
_chem_comp.type
_chem_comp.name
_chem_comp.formula
IBA non-polymer '4-[(2R)-2-(AMINOMETHYL)-2-(HYDROXYMETHYL)-5-OXOPYRROLIDIN-1-YL]-3-[(1-ETHYLPROPYL)AMINO]BENZOIC ACID' 'C18 H27 N3 O4'
#
# COMPACT_ATOMS: atom_id res chain seq x y z
N PRO A 1 18.80 -18.39 -10.27
CA PRO A 1 18.63 -17.02 -9.79
C PRO A 1 19.04 -16.81 -8.34
N GLU A 2 19.67 -15.68 -8.06
CA GLU A 2 20.12 -15.41 -6.71
C GLU A 2 19.19 -14.45 -5.95
N TRP A 3 19.13 -14.59 -4.58
CA TRP A 3 18.18 -13.82 -3.78
C TRP A 3 18.34 -12.32 -3.87
N THR A 4 17.19 -11.65 -3.76
CA THR A 4 17.11 -10.19 -3.75
C THR A 4 17.45 -9.65 -2.35
N TYR A 5 18.11 -8.50 -2.33
CA TYR A 5 18.48 -7.81 -1.10
C TYR A 5 18.27 -6.32 -1.36
N PRO A 6 17.94 -5.55 -0.30
CA PRO A 6 17.78 -4.12 -0.63
C PRO A 6 19.19 -3.52 -0.93
N ARG A 7 19.30 -2.65 -1.92
CA ARG A 7 20.59 -2.00 -2.22
C ARG A 7 20.45 -0.50 -1.96
N LEU A 8 21.49 0.28 -2.25
CA LEU A 8 21.39 1.72 -2.05
C LEU A 8 20.43 2.27 -3.10
N SER A 9 19.69 3.31 -2.73
CA SER A 9 18.78 3.94 -3.68
C SER A 9 19.63 4.60 -4.75
N CYS A 10 19.05 4.79 -5.92
CA CYS A 10 19.75 5.51 -6.98
C CYS A 10 19.74 6.97 -6.48
N GLN A 11 20.65 7.81 -6.98
CA GLN A 11 20.68 9.15 -6.45
C GLN A 11 19.63 10.05 -7.07
N GLY A 12 19.18 11.01 -6.28
CA GLY A 12 18.16 11.93 -6.73
C GLY A 12 17.73 12.62 -5.46
N SER A 13 16.95 13.70 -5.59
CA SER A 13 16.49 14.43 -4.43
C SER A 13 15.05 14.89 -4.63
N THR A 14 14.43 14.36 -5.66
CA THR A 14 13.05 14.69 -5.96
C THR A 14 12.28 13.60 -6.71
N PHE A 15 10.95 13.69 -6.59
CA PHE A 15 10.06 12.76 -7.25
C PHE A 15 9.41 13.52 -8.40
N GLN A 16 9.17 12.81 -9.50
CA GLN A 16 8.51 13.42 -10.64
C GLN A 16 7.40 12.50 -11.14
N LYS A 17 6.50 13.05 -11.95
CA LYS A 17 5.38 12.27 -12.48
C LYS A 17 5.95 11.24 -13.43
N ALA A 18 5.73 9.98 -13.10
CA ALA A 18 6.25 8.91 -13.92
C ALA A 18 5.28 8.30 -14.91
N LEU A 19 4.23 7.68 -14.40
CA LEU A 19 3.28 7.00 -15.25
C LEU A 19 1.88 7.01 -14.67
N LEU A 20 0.89 7.17 -15.54
CA LEU A 20 -0.49 7.09 -15.12
C LEU A 20 -1.14 5.91 -15.85
N ILE A 21 -1.80 5.05 -15.10
CA ILE A 21 -2.52 3.90 -15.66
C ILE A 21 -4.01 4.19 -15.39
N SER A 22 -4.69 4.77 -16.37
CA SER A 22 -6.11 5.11 -16.25
C SER A 22 -6.89 4.18 -17.17
N PRO A 23 -7.18 2.95 -16.73
CA PRO A 23 -7.91 1.95 -17.51
C PRO A 23 -9.28 2.36 -18.03
N HIS A 24 -9.93 3.25 -17.29
CA HIS A 24 -11.27 3.66 -17.62
C HIS A 24 -11.42 4.80 -18.62
N ARG A 25 -10.31 5.21 -19.21
CA ARG A 25 -10.31 6.21 -20.26
C ARG A 25 -10.74 5.41 -21.50
N PHE A 26 -10.96 4.11 -21.31
CA PHE A 26 -11.35 3.22 -22.39
C PHE A 26 -12.63 2.43 -22.06
N GLY A 27 -13.34 2.84 -21.02
CA GLY A 27 -14.56 2.14 -20.65
C GLY A 27 -15.87 2.74 -21.17
N GLU A 28 -15.80 3.68 -22.10
CA GLU A 28 -17.01 4.27 -22.65
C GLU A 28 -17.95 3.20 -23.21
N ILE A 29 -19.24 3.50 -23.15
CA ILE A 29 -20.28 2.63 -23.71
C ILE A 29 -20.01 2.60 -25.23
N LYS A 30 -19.42 3.68 -25.74
CA LYS A 30 -19.07 3.79 -27.15
C LYS A 30 -17.80 3.03 -27.54
N GLY A 31 -16.84 2.94 -26.62
CA GLY A 31 -15.60 2.26 -26.92
C GLY A 31 -15.75 0.76 -27.09
N ASN A 32 -14.63 0.08 -27.37
CA ASN A 32 -14.67 -1.37 -27.56
C ASN A 32 -13.71 -2.09 -26.61
N SER A 33 -13.48 -1.53 -25.43
CA SER A 33 -12.56 -2.14 -24.47
C SER A 33 -13.22 -2.76 -23.23
N ALA A 34 -12.42 -3.51 -22.47
CA ALA A 34 -12.90 -4.20 -21.27
C ALA A 34 -12.01 -4.02 -20.04
N PRO A 35 -11.83 -2.78 -19.59
CA PRO A 35 -11.00 -2.60 -18.39
C PRO A 35 -11.73 -3.19 -17.18
N LEU A 36 -11.01 -3.90 -16.33
CA LEU A 36 -11.59 -4.51 -15.14
C LEU A 36 -11.92 -3.49 -14.05
N ILE A 37 -12.99 -3.76 -13.31
CA ILE A 37 -13.38 -2.94 -12.18
C ILE A 37 -12.49 -3.43 -11.03
N ILE A 38 -11.65 -2.52 -10.55
CA ILE A 38 -10.70 -2.86 -9.51
C ILE A 38 -10.67 -1.84 -8.42
N ARG A 39 -9.91 -2.18 -7.39
CA ARG A 39 -9.67 -1.32 -6.21
C ARG A 39 -8.45 -1.87 -5.47
N GLU A 40 -7.85 -1.05 -4.62
CA GLU A 40 -6.68 -1.47 -3.86
C GLU A 40 -5.49 -1.90 -4.75
N PRO A 41 -5.12 -1.08 -5.74
CA PRO A 41 -4.00 -1.41 -6.62
C PRO A 41 -2.66 -1.21 -5.89
N PHE A 42 -1.65 -1.94 -6.31
CA PHE A 42 -0.32 -1.78 -5.77
C PHE A 42 0.68 -2.31 -6.80
N VAL A 43 1.91 -1.84 -6.72
CA VAL A 43 2.93 -2.29 -7.65
C VAL A 43 4.04 -2.97 -6.88
N ALA A 44 4.50 -4.09 -7.42
CA ALA A 44 5.60 -4.85 -6.83
C ALA A 44 6.53 -5.16 -7.99
N CYS A 45 7.83 -5.11 -7.71
CA CYS A 45 8.80 -5.38 -8.75
C CYS A 45 9.78 -6.52 -8.49
N GLY A 46 10.05 -7.30 -9.52
CA GLY A 46 11.07 -8.35 -9.42
C GLY A 46 12.35 -7.73 -9.98
N PRO A 47 13.41 -8.54 -10.13
CA PRO A 47 14.65 -7.98 -10.66
C PRO A 47 14.53 -7.50 -12.10
N LYS A 48 13.56 -8.05 -12.81
CA LYS A 48 13.40 -7.77 -14.23
C LYS A 48 12.13 -7.14 -14.75
N GLU A 49 11.06 -7.22 -13.96
CA GLU A 49 9.78 -6.71 -14.39
C GLU A 49 9.04 -6.22 -13.16
N CYS A 50 8.19 -5.22 -13.34
CA CYS A 50 7.36 -4.72 -12.25
C CYS A 50 5.97 -5.19 -12.61
N ARG A 51 5.10 -5.32 -11.62
CA ARG A 51 3.74 -5.74 -11.89
C ARG A 51 2.70 -4.93 -11.16
N HIS A 52 1.66 -4.62 -11.91
CA HIS A 52 0.54 -3.84 -11.41
C HIS A 52 -0.54 -4.82 -10.94
N PHE A 53 -0.60 -5.03 -9.62
CA PHE A 53 -1.58 -5.92 -9.02
C PHE A 53 -2.84 -5.15 -8.58
N ALA A 54 -3.91 -5.87 -8.34
CA ALA A 54 -5.15 -5.24 -7.90
C ALA A 54 -6.19 -6.28 -7.50
N LEU A 55 -7.26 -5.83 -6.84
CA LEU A 55 -8.36 -6.71 -6.43
C LEU A 55 -9.57 -6.41 -7.30
N THR A 56 -9.85 -7.30 -8.25
CA THR A 56 -10.97 -7.10 -9.18
C THR A 56 -12.27 -7.63 -8.60
N HIS A 57 -13.37 -7.02 -9.01
CA HIS A 57 -14.70 -7.46 -8.60
C HIS A 57 -15.20 -8.46 -9.68
N TYR A 58 -14.28 -8.97 -10.49
CA TYR A 58 -14.59 -9.91 -11.56
C TYR A 58 -15.64 -9.29 -12.51
N ALA A 59 -15.44 -8.02 -12.85
CA ALA A 59 -16.39 -7.33 -13.71
C ALA A 59 -15.68 -6.27 -14.53
N ALA A 60 -16.29 -5.89 -15.64
CA ALA A 60 -15.70 -4.90 -16.53
C ALA A 60 -16.65 -3.73 -16.84
N GLN A 61 -16.08 -2.69 -17.44
CA GLN A 61 -16.84 -1.52 -17.84
C GLN A 61 -16.48 -1.29 -19.32
N PRO A 62 -17.50 -1.23 -20.19
CA PRO A 62 -18.91 -1.38 -19.84
C PRO A 62 -19.28 -2.84 -19.51
N GLY A 63 -20.28 -3.01 -18.66
CA GLY A 63 -20.72 -4.34 -18.28
C GLY A 63 -22.04 -4.23 -17.54
N GLY A 64 -22.49 -5.34 -16.95
CA GLY A 64 -23.75 -5.30 -16.22
C GLY A 64 -23.65 -5.78 -14.80
N TYR A 65 -22.45 -5.73 -14.21
CA TYR A 65 -22.25 -6.17 -12.83
C TYR A 65 -21.64 -5.10 -11.93
N TYR A 66 -22.17 -3.88 -12.01
CA TYR A 66 -21.68 -2.77 -11.20
C TYR A 66 -22.23 -2.84 -9.77
N ASN A 67 -23.38 -3.49 -9.61
CA ASN A 67 -24.01 -3.60 -8.29
C ASN A 67 -23.09 -4.37 -7.36
N GLY A 68 -22.72 -3.76 -6.24
CA GLY A 68 -21.84 -4.41 -5.29
C GLY A 68 -20.35 -4.19 -5.49
N THR A 69 -19.98 -3.44 -6.52
CA THR A 69 -18.58 -3.18 -6.79
C THR A 69 -18.00 -2.10 -5.87
N ARG A 70 -18.80 -1.60 -4.94
CA ARG A 70 -18.31 -0.57 -4.02
C ARG A 70 -18.01 -1.21 -2.66
N LYS A 71 -18.57 -2.39 -2.44
CA LYS A 71 -18.32 -3.13 -1.23
C LYS A 71 -17.00 -3.87 -1.47
N ASP A 72 -16.30 -4.20 -0.39
CA ASP A 72 -14.98 -4.82 -0.50
C ASP A 72 -14.80 -6.32 -0.45
N ARG A 73 -15.62 -7.02 0.31
CA ARG A 73 -15.46 -8.45 0.43
C ARG A 73 -16.59 -9.28 -0.13
N ASN A 74 -16.22 -10.30 -0.90
CA ASN A 74 -17.22 -11.17 -1.46
C ASN A 74 -16.57 -12.42 -2.13
N LYS A 75 -17.41 -13.31 -2.64
CA LYS A 75 -16.91 -14.54 -3.24
C LYS A 75 -16.45 -14.44 -4.69
N LEU A 76 -16.55 -13.24 -5.25
CA LEU A 76 -16.15 -13.06 -6.64
C LEU A 76 -14.77 -12.41 -6.79
N ARG A 77 -14.38 -11.62 -5.80
CA ARG A 77 -13.10 -10.90 -5.83
C ARG A 77 -11.87 -11.75 -6.07
N HIS A 78 -10.94 -11.21 -6.85
CA HIS A 78 -9.72 -11.90 -7.15
C HIS A 78 -8.52 -10.97 -7.22
N LEU A 79 -7.35 -11.49 -6.84
CA LEU A 79 -6.10 -10.76 -6.97
C LEU A 79 -5.67 -10.99 -8.43
N VAL A 80 -5.47 -9.90 -9.15
CA VAL A 80 -5.05 -9.98 -10.54
C VAL A 80 -3.80 -9.13 -10.77
N SER A 81 -3.23 -9.28 -11.96
CA SER A 81 -2.05 -8.50 -12.28
C SER A 81 -1.73 -8.41 -13.78
N VAL A 82 -1.00 -7.36 -14.12
CA VAL A 82 -0.54 -7.14 -15.46
C VAL A 82 0.88 -6.61 -15.31
N LYS A 83 1.65 -6.68 -16.39
CA LYS A 83 2.97 -6.09 -16.41
C LYS A 83 2.72 -4.57 -16.24
N LEU A 84 3.55 -3.89 -15.46
CA LEU A 84 3.37 -2.46 -15.28
C LEU A 84 3.59 -1.77 -16.62
N GLY A 85 2.57 -1.03 -17.06
CA GLY A 85 2.62 -0.38 -18.34
C GLY A 85 1.44 -0.87 -19.18
N LYS A 86 0.97 -2.08 -18.87
CA LYS A 86 -0.17 -2.68 -19.57
C LYS A 86 -1.48 -2.21 -18.93
N ILE A 87 -2.52 -2.08 -19.75
CA ILE A 87 -3.83 -1.71 -19.24
C ILE A 87 -4.49 -3.00 -18.75
N PRO A 88 -5.01 -3.00 -17.52
CA PRO A 88 -5.66 -4.15 -16.91
C PRO A 88 -7.06 -4.48 -17.44
N THR A 89 -7.10 -5.06 -18.64
CA THR A 89 -8.36 -5.42 -19.26
C THR A 89 -8.63 -6.90 -18.98
N VAL A 90 -9.79 -7.38 -19.43
CA VAL A 90 -10.20 -8.77 -19.23
C VAL A 90 -9.18 -9.76 -19.82
N GLU A 91 -8.58 -9.42 -20.96
CA GLU A 91 -7.63 -10.32 -21.60
C GLU A 91 -6.19 -10.12 -21.20
N ASN A 92 -5.85 -8.90 -20.85
CA ASN A 92 -4.48 -8.61 -20.45
C ASN A 92 -4.07 -9.25 -19.11
N SER A 93 -4.99 -9.26 -18.17
CA SER A 93 -4.74 -9.77 -16.82
C SER A 93 -4.62 -11.25 -16.62
N ILE A 94 -4.00 -11.61 -15.50
CA ILE A 94 -3.86 -12.99 -15.06
C ILE A 94 -4.55 -13.04 -13.70
N PHE A 95 -5.44 -14.00 -13.53
CA PHE A 95 -6.13 -14.17 -12.25
C PHE A 95 -5.29 -15.15 -11.42
N HIS A 96 -4.80 -14.66 -10.28
CA HIS A 96 -3.95 -15.48 -9.42
C HIS A 96 -4.70 -16.37 -8.47
N MET A 97 -5.70 -15.79 -7.81
CA MET A 97 -6.48 -16.53 -6.83
C MET A 97 -7.63 -15.66 -6.33
N ALA A 98 -8.58 -16.30 -5.67
CA ALA A 98 -9.72 -15.61 -5.08
C ALA A 98 -9.21 -14.92 -3.80
N ALA A 99 -9.41 -13.61 -3.72
CA ALA A 99 -8.97 -12.84 -2.56
C ALA A 99 -9.68 -11.49 -2.46
N TRP A 100 -10.11 -11.09 -1.26
CA TRP A 100 -10.72 -9.76 -1.13
C TRP A 100 -9.77 -8.87 -0.35
N SER A 101 -8.53 -9.33 -0.26
CA SER A 101 -7.44 -8.62 0.41
C SER A 101 -6.18 -9.31 -0.05
N GLY A 102 -5.18 -8.54 -0.44
CA GLY A 102 -3.98 -9.18 -0.93
C GLY A 102 -2.65 -8.50 -0.71
N SER A 103 -1.64 -9.15 -1.29
CA SER A 103 -0.27 -8.69 -1.19
C SER A 103 0.58 -9.56 -2.11
N ALA A 104 1.74 -9.05 -2.51
CA ALA A 104 2.63 -9.82 -3.36
C ALA A 104 4.04 -9.27 -3.36
N CYS A 105 5.02 -10.16 -3.53
CA CYS A 105 6.42 -9.75 -3.60
C CYS A 105 7.29 -10.78 -4.33
N HIS A 106 8.41 -10.33 -4.87
CA HIS A 106 9.35 -11.19 -5.59
C HIS A 106 10.62 -11.42 -4.79
N ASP A 107 10.92 -12.67 -4.48
CA ASP A 107 12.08 -12.99 -3.67
C ASP A 107 13.40 -13.08 -4.42
N GLY A 108 13.38 -12.77 -5.71
CA GLY A 108 14.60 -12.84 -6.49
C GLY A 108 14.54 -14.02 -7.44
N ARG A 109 13.73 -15.04 -7.11
CA ARG A 109 13.57 -16.21 -7.99
C ARG A 109 12.15 -16.46 -8.43
N GLU A 110 11.19 -16.18 -7.57
CA GLU A 110 9.81 -16.48 -7.90
C GLU A 110 8.82 -15.49 -7.28
N TRP A 111 7.59 -15.51 -7.76
CA TRP A 111 6.58 -14.61 -7.24
C TRP A 111 5.82 -15.31 -6.12
N THR A 112 5.57 -14.54 -5.07
CA THR A 112 4.78 -14.99 -3.93
C THR A 112 3.51 -14.12 -3.99
N TYR A 113 2.35 -14.77 -3.88
CA TYR A 113 1.09 -14.04 -3.92
C TYR A 113 0.27 -14.30 -2.66
N ILE A 114 -0.19 -13.25 -2.03
CA ILE A 114 -1.00 -13.42 -0.84
C ILE A 114 -2.41 -12.95 -1.11
N GLY A 115 -3.37 -13.81 -0.79
CA GLY A 115 -4.76 -13.44 -0.97
C GLY A 115 -5.55 -13.91 0.24
N VAL A 116 -6.28 -13.00 0.86
CA VAL A 116 -7.08 -13.43 1.98
C VAL A 116 -8.54 -13.52 1.55
N ASP A 117 -9.20 -14.59 1.95
CA ASP A 117 -10.62 -14.72 1.66
C ASP A 117 -11.34 -15.64 2.67
N GLY A 118 -12.63 -15.83 2.51
CA GLY A 118 -13.39 -16.67 3.43
C GLY A 118 -14.38 -15.82 4.20
N PRO A 119 -15.12 -16.39 5.16
CA PRO A 119 -16.10 -15.64 5.96
C PRO A 119 -15.44 -14.67 6.94
N ASP A 120 -16.03 -13.50 7.13
CA ASP A 120 -15.47 -12.48 8.01
C ASP A 120 -14.95 -12.99 9.36
N ASN A 121 -15.74 -13.83 10.03
CA ASN A 121 -15.34 -14.32 11.35
C ASN A 121 -14.35 -15.49 11.31
N ASP A 122 -13.98 -15.93 10.12
CA ASP A 122 -13.02 -17.02 9.98
C ASP A 122 -12.25 -16.97 8.66
N ALA A 123 -11.87 -15.77 8.25
CA ALA A 123 -11.12 -15.57 7.00
C ALA A 123 -9.80 -16.35 6.98
N LEU A 124 -9.16 -16.39 5.83
CA LEU A 124 -7.95 -17.16 5.70
C LEU A 124 -6.94 -16.52 4.74
N VAL A 125 -5.69 -16.47 5.19
CA VAL A 125 -4.60 -15.96 4.37
C VAL A 125 -4.10 -17.20 3.60
N LYS A 126 -4.06 -17.10 2.27
CA LYS A 126 -3.58 -18.19 1.42
C LYS A 126 -2.33 -17.75 0.70
N ILE A 127 -1.34 -18.63 0.66
CA ILE A 127 -0.10 -18.28 0.00
C ILE A 127 0.13 -19.12 -1.23
N LYS A 128 0.52 -18.44 -2.30
CA LYS A 128 0.82 -19.10 -3.57
C LYS A 128 2.24 -18.73 -3.93
N TYR A 129 3.01 -19.71 -4.37
CA TYR A 129 4.38 -19.50 -4.78
C TYR A 129 4.39 -19.85 -6.25
N GLY A 130 4.52 -18.84 -7.11
CA GLY A 130 4.44 -19.12 -8.53
C GLY A 130 3.07 -19.75 -8.81
N GLU A 131 3.09 -20.94 -9.39
CA GLU A 131 1.86 -21.66 -9.74
C GLU A 131 1.24 -22.51 -8.63
N ALA A 132 2.01 -22.76 -7.57
CA ALA A 132 1.55 -23.63 -6.50
C ALA A 132 1.00 -22.97 -5.26
N TYR A 133 -0.12 -23.50 -4.79
CA TYR A 133 -0.72 -23.03 -3.53
C TYR A 133 0.11 -23.80 -2.51
N THR A 134 0.82 -23.06 -1.69
CA THR A 134 1.77 -23.63 -0.73
C THR A 134 1.43 -23.60 0.73
N ASP A 135 0.64 -22.63 1.16
CA ASP A 135 0.32 -22.57 2.57
C ASP A 135 -0.84 -21.62 2.85
N THR A 136 -1.29 -21.61 4.11
CA THR A 136 -2.38 -20.74 4.53
C THR A 136 -2.19 -20.36 6.00
N TYR A 137 -2.91 -19.34 6.46
CA TYR A 137 -2.84 -18.90 7.86
C TYR A 137 -4.25 -18.55 8.31
N HIS A 138 -4.56 -18.82 9.58
CA HIS A 138 -5.91 -18.59 10.06
C HIS A 138 -6.19 -17.34 10.87
N SER A 139 -7.47 -16.99 10.95
CA SER A 139 -7.98 -15.85 11.71
C SER A 139 -7.68 -16.13 13.19
N TYR A 140 -7.13 -15.14 13.89
CA TYR A 140 -6.80 -15.32 15.30
C TYR A 140 -7.70 -14.50 16.19
N ALA A 141 -8.17 -13.38 15.66
CA ALA A 141 -9.08 -12.51 16.39
C ALA A 141 -10.52 -12.73 15.91
N HIS A 142 -10.63 -13.53 14.85
CA HIS A 142 -11.91 -13.88 14.23
C HIS A 142 -12.77 -12.68 13.82
N ASN A 143 -12.12 -11.70 13.22
CA ASN A 143 -12.80 -10.51 12.74
C ASN A 143 -12.07 -10.00 11.51
N ILE A 144 -12.48 -10.51 10.35
CA ILE A 144 -11.90 -10.17 9.06
C ILE A 144 -10.36 -10.16 9.08
N LEU A 145 -9.74 -11.32 8.90
CA LEU A 145 -8.27 -11.39 8.83
C LEU A 145 -7.95 -10.66 7.53
N ARG A 146 -7.03 -9.71 7.57
CA ARG A 146 -6.66 -8.96 6.36
C ARG A 146 -5.16 -8.73 6.27
N THR A 147 -4.73 -8.18 5.15
CA THR A 147 -3.32 -7.93 4.99
C THR A 147 -2.99 -6.52 4.52
N GLN A 148 -1.82 -6.35 3.91
CA GLN A 148 -1.33 -5.04 3.48
C GLN A 148 -1.94 -4.24 2.32
N GLU A 149 -2.29 -4.87 1.21
CA GLU A 149 -2.80 -4.14 0.02
C GLU A 149 -1.63 -3.36 -0.59
N SER A 150 -0.45 -3.91 -0.39
CA SER A 150 0.78 -3.36 -0.91
C SER A 150 1.84 -4.47 -0.83
N ALA A 151 2.96 -4.25 -1.49
CA ALA A 151 4.02 -5.24 -1.57
C ALA A 151 4.60 -5.75 -0.25
N CYS A 152 4.87 -7.06 -0.20
CA CYS A 152 5.54 -7.61 0.98
C CYS A 152 7.01 -7.41 0.64
N ASN A 153 7.90 -7.64 1.61
CA ASN A 153 9.32 -7.41 1.38
C ASN A 153 10.22 -8.60 1.64
N CYS A 154 10.96 -9.00 0.62
CA CYS A 154 11.86 -10.14 0.75
C CYS A 154 13.32 -9.75 0.85
N ILE A 155 14.07 -10.55 1.60
CA ILE A 155 15.51 -10.36 1.80
C ILE A 155 16.13 -11.75 1.98
N GLY A 156 17.05 -12.10 1.08
CA GLY A 156 17.66 -13.42 1.13
C GLY A 156 16.72 -14.61 1.04
N GLY A 157 15.54 -14.44 0.44
CA GLY A 157 14.60 -15.54 0.32
C GLY A 157 13.54 -15.55 1.41
N ASP A 158 13.69 -14.64 2.36
CA ASP A 158 12.74 -14.51 3.46
C ASP A 158 11.88 -13.30 3.21
N CYS A 159 10.56 -13.51 3.18
CA CYS A 159 9.63 -12.43 2.91
C CYS A 159 8.75 -12.18 4.11
N TYR A 160 8.62 -10.91 4.47
CA TYR A 160 7.83 -10.54 5.62
C TYR A 160 6.55 -9.87 5.13
N LEU A 161 5.44 -10.29 5.74
CA LEU A 161 4.12 -9.80 5.39
C LEU A 161 3.39 -9.43 6.69
N MET A 162 2.73 -8.27 6.70
CA MET A 162 1.93 -7.87 7.83
C MET A 162 0.49 -8.32 7.60
N ILE A 163 -0.08 -8.93 8.63
CA ILE A 163 -1.46 -9.32 8.62
C ILE A 163 -2.00 -8.71 9.93
N THR A 164 -3.31 -8.53 9.98
CA THR A 164 -3.96 -8.01 11.16
C THR A 164 -5.31 -8.68 11.24
N ASP A 165 -5.88 -8.68 12.43
CA ASP A 165 -7.19 -9.28 12.64
C ASP A 165 -7.89 -8.52 13.74
N GLY A 166 -9.18 -8.24 13.55
CA GLY A 166 -9.91 -7.50 14.55
C GLY A 166 -10.92 -6.49 14.03
N SER A 167 -11.54 -5.79 14.96
CA SER A 167 -12.55 -4.80 14.65
C SER A 167 -11.94 -3.54 14.05
N ALA A 168 -12.66 -2.93 13.11
CA ALA A 168 -12.20 -1.72 12.45
C ALA A 168 -12.40 -0.54 13.39
N SER A 169 -13.37 -0.69 14.29
CA SER A 169 -13.70 0.35 15.26
C SER A 169 -13.08 0.14 16.64
N GLY A 170 -12.32 -0.94 16.79
CA GLY A 170 -11.68 -1.22 18.06
C GLY A 170 -10.24 -1.70 17.95
N ILE A 171 -9.96 -2.82 18.60
CA ILE A 171 -8.61 -3.36 18.62
C ILE A 171 -8.29 -4.37 17.50
N SER A 172 -7.14 -4.15 16.87
CA SER A 172 -6.66 -5.00 15.79
C SER A 172 -5.15 -5.12 15.94
N LYS A 173 -4.72 -6.14 16.66
CA LYS A 173 -3.30 -6.36 16.89
C LYS A 173 -2.78 -7.10 15.68
N CYS A 174 -1.80 -6.49 15.02
CA CYS A 174 -1.22 -7.07 13.82
C CYS A 174 -0.12 -8.05 14.14
N ARG A 175 0.16 -8.91 13.16
CA ARG A 175 1.20 -9.90 13.24
C ARG A 175 2.02 -9.85 11.96
N PHE A 176 3.16 -10.52 11.97
CA PHE A 176 4.03 -10.55 10.80
C PHE A 176 4.44 -11.97 10.45
N LEU A 177 4.08 -12.40 9.25
CA LEU A 177 4.43 -13.72 8.77
C LEU A 177 5.79 -13.65 8.07
N LYS A 178 6.68 -14.56 8.50
CA LYS A 178 7.97 -14.72 7.85
C LYS A 178 7.72 -15.92 6.90
N ILE A 179 7.72 -15.63 5.60
CA ILE A 179 7.47 -16.63 4.58
C ILE A 179 8.72 -16.96 3.76
N ARG A 180 8.89 -18.24 3.45
CA ARG A 180 10.04 -18.66 2.69
C ARG A 180 9.57 -19.72 1.70
N GLU A 181 9.78 -19.42 0.42
CA GLU A 181 9.35 -20.31 -0.65
C GLU A 181 7.88 -20.73 -0.52
N GLY A 182 7.03 -19.79 -0.12
CA GLY A 182 5.62 -20.07 0.00
C GLY A 182 5.10 -20.63 1.30
N ARG A 183 5.97 -21.02 2.24
CA ARG A 183 5.49 -21.52 3.50
C ARG A 183 5.93 -20.76 4.71
N ILE A 184 4.95 -20.47 5.56
CA ILE A 184 5.19 -19.68 6.75
C ILE A 184 6.17 -20.38 7.68
N ILE A 185 7.40 -19.88 7.76
CA ILE A 185 8.36 -20.49 8.69
C ILE A 185 8.38 -19.77 10.03
N LYS A 186 7.62 -18.69 10.17
CA LYS A 186 7.57 -17.96 11.44
C LYS A 186 6.50 -16.90 11.59
N GLU A 187 6.00 -16.74 12.81
CA GLU A 187 4.97 -15.75 13.11
C GLU A 187 5.50 -14.81 14.19
N ILE A 188 5.72 -13.56 13.78
CA ILE A 188 6.22 -12.50 14.65
C ILE A 188 5.10 -11.70 15.34
N LEU A 189 5.18 -11.62 16.66
CA LEU A 189 4.23 -10.86 17.47
C LEU A 189 4.87 -9.53 17.87
N PRO A 190 4.38 -8.41 17.32
CA PRO A 190 4.98 -7.12 17.67
C PRO A 190 4.78 -6.68 19.14
N THR A 191 5.68 -5.82 19.59
CA THR A 191 5.66 -5.25 20.94
C THR A 191 5.22 -3.76 20.85
N GLY A 192 4.84 -3.18 21.98
CA GLY A 192 4.55 -1.76 22.05
C GLY A 192 3.11 -1.33 21.94
N ARG A 193 2.86 -0.31 21.12
CA ARG A 193 1.52 0.20 20.85
C ARG A 193 0.80 -0.70 19.84
N VAL A 194 0.25 -1.79 20.36
CA VAL A 194 -0.42 -2.77 19.53
C VAL A 194 -1.93 -2.73 19.36
N GLU A 195 -2.62 -1.76 19.94
CA GLU A 195 -4.09 -1.76 19.85
C GLU A 195 -4.77 -1.69 18.48
N HIS A 196 -4.15 -1.05 17.49
CA HIS A 196 -4.72 -1.03 16.14
C HIS A 196 -3.66 -0.75 15.06
N THR A 197 -3.46 -1.73 14.18
CA THR A 197 -2.49 -1.62 13.07
C THR A 197 -2.94 -2.43 11.85
N GLU A 198 -3.26 -1.69 10.80
CA GLU A 198 -3.77 -2.29 9.58
C GLU A 198 -3.17 -1.63 8.32
N GLU A 199 -3.29 -2.34 7.21
CA GLU A 199 -2.81 -1.87 5.92
C GLU A 199 -1.44 -1.23 6.00
N CYS A 200 -0.48 -1.94 6.60
CA CYS A 200 0.90 -1.46 6.71
C CYS A 200 1.60 -1.39 5.36
N THR A 201 2.30 -0.28 5.12
CA THR A 201 3.09 -0.11 3.90
C THR A 201 4.52 -0.28 4.43
N CYS A 202 5.16 -1.37 4.03
CA CYS A 202 6.50 -1.66 4.51
C CYS A 202 7.61 -1.59 3.48
N GLY A 203 8.81 -1.35 3.97
CA GLY A 203 9.99 -1.28 3.11
C GLY A 203 11.23 -1.51 3.94
N PHE A 204 12.36 -1.63 3.27
CA PHE A 204 13.63 -1.84 3.93
C PHE A 204 14.33 -0.51 4.23
N ALA A 205 14.61 -0.28 5.51
CA ALA A 205 15.28 0.95 5.92
C ALA A 205 16.76 0.68 5.76
N SER A 206 17.10 -0.61 5.81
CA SER A 206 18.47 -1.09 5.66
C SER A 206 18.35 -2.61 5.51
N ASN A 207 19.46 -3.32 5.68
CA ASN A 207 19.44 -4.79 5.59
C ASN A 207 19.09 -5.39 6.95
N LYS A 208 18.84 -4.52 7.93
CA LYS A 208 18.55 -4.99 9.28
C LYS A 208 17.12 -4.70 9.73
N THR A 209 16.53 -3.64 9.19
CA THR A 209 15.19 -3.26 9.60
C THR A 209 14.23 -3.05 8.46
N ILE A 210 12.96 -3.36 8.73
CA ILE A 210 11.86 -3.12 7.80
C ILE A 210 10.97 -2.17 8.59
N GLU A 211 10.58 -1.08 7.98
CA GLU A 211 9.72 -0.11 8.63
C GLU A 211 8.42 0.01 7.88
N CYS A 212 7.33 0.16 8.62
CA CYS A 212 6.03 0.31 8.00
C CYS A 212 5.33 1.53 8.59
N ALA A 213 4.70 2.28 7.70
CA ALA A 213 3.85 3.38 8.11
C ALA A 213 2.50 2.66 7.96
N CYS A 214 1.72 2.60 9.03
CA CYS A 214 0.46 1.87 8.95
C CYS A 214 -0.78 2.69 9.24
N ARG A 215 -1.90 2.00 9.39
CA ARG A 215 -3.16 2.68 9.62
C ARG A 215 -3.87 2.31 10.90
N ASP A 216 -4.19 3.34 11.70
CA ASP A 216 -4.97 3.14 12.91
C ASP A 216 -6.36 3.70 12.57
N ASN A 217 -7.33 2.81 12.54
CA ASN A 217 -8.72 3.11 12.22
C ASN A 217 -9.63 3.52 13.38
N SER A 218 -9.20 3.25 14.61
CA SER A 218 -10.03 3.55 15.79
C SER A 218 -9.64 4.65 16.76
N TYR A 219 -8.34 4.79 17.01
CA TYR A 219 -7.86 5.71 18.04
C TYR A 219 -7.09 6.99 17.72
N THR A 220 -6.56 7.12 16.52
CA THR A 220 -5.82 8.33 16.23
C THR A 220 -5.64 8.62 14.74
N ALA A 221 -5.25 9.85 14.45
CA ALA A 221 -4.97 10.30 13.11
C ALA A 221 -3.46 10.21 12.85
N LYS A 222 -2.73 9.75 13.87
CA LYS A 222 -1.29 9.51 13.78
C LYS A 222 -1.07 8.08 13.26
N ARG A 223 -0.12 7.90 12.36
CA ARG A 223 0.11 6.57 11.85
C ARG A 223 1.03 5.71 12.72
N PRO A 224 0.57 4.50 13.07
CA PRO A 224 1.41 3.61 13.89
C PRO A 224 2.63 3.31 13.00
N PHE A 225 3.82 3.29 13.60
CA PHE A 225 5.04 3.06 12.83
C PHE A 225 5.74 1.83 13.35
N VAL A 226 5.98 0.88 12.45
CA VAL A 226 6.62 -0.37 12.84
C VAL A 226 8.10 -0.47 12.50
N LYS A 227 8.85 -0.92 13.48
CA LYS A 227 10.28 -1.16 13.31
C LYS A 227 10.44 -2.65 13.56
N LEU A 228 10.72 -3.36 12.49
CA LEU A 228 10.87 -4.81 12.50
C LEU A 228 12.33 -5.17 12.29
N ASN A 229 12.88 -6.00 13.17
CA ASN A 229 14.28 -6.42 13.08
C ASN A 229 14.41 -7.75 12.35
N VAL A 230 15.02 -7.71 11.19
CA VAL A 230 15.16 -8.88 10.37
C VAL A 230 16.19 -9.89 10.86
N GLU A 231 17.00 -9.49 11.85
CA GLU A 231 18.01 -10.39 12.37
C GLU A 231 17.51 -11.11 13.62
N THR A 232 16.79 -10.38 14.48
CA THR A 232 16.24 -10.97 15.69
C THR A 232 14.78 -11.38 15.47
N ASP A 233 14.22 -10.99 14.33
CA ASP A 233 12.83 -11.28 13.98
C ASP A 233 11.83 -10.79 15.03
N THR A 234 12.01 -9.54 15.47
CA THR A 234 11.12 -8.96 16.46
C THR A 234 10.63 -7.60 15.96
N ALA A 235 9.38 -7.30 16.25
CA ALA A 235 8.78 -6.03 15.84
C ALA A 235 8.35 -5.23 17.06
N GLU A 236 8.32 -3.92 16.90
CA GLU A 236 7.84 -3.04 17.97
C GLU A 236 7.17 -1.88 17.28
N ILE A 237 6.00 -1.50 17.81
CA ILE A 237 5.20 -0.43 17.24
C ILE A 237 4.93 0.71 18.18
N ARG A 238 4.83 1.90 17.57
CA ARG A 238 4.43 3.13 18.22
C ARG A 238 4.23 4.24 17.21
N LEU A 239 3.41 5.21 17.60
CA LEU A 239 3.03 6.34 16.75
C LEU A 239 4.14 7.23 16.22
N MET A 240 3.98 7.71 14.99
CA MET A 240 4.92 8.66 14.41
C MET A 240 4.65 9.91 15.24
N CYS A 241 5.71 10.49 15.77
CA CYS A 241 5.59 11.67 16.59
C CYS A 241 5.30 12.97 15.82
N THR A 242 5.66 12.99 14.55
CA THR A 242 5.52 14.19 13.74
C THR A 242 4.23 14.99 13.84
N LYS A 243 4.39 16.30 13.72
CA LYS A 243 3.30 17.28 13.75
C LYS A 243 2.39 17.07 12.54
N THR A 244 3.02 16.65 11.45
CA THR A 244 2.38 16.45 10.16
C THR A 244 1.66 15.11 10.07
N TYR A 245 0.49 15.01 10.70
CA TYR A 245 -0.29 13.77 10.73
C TYR A 245 -0.60 13.28 9.32
N LEU A 246 -0.37 12.00 9.07
CA LEU A 246 -0.54 11.43 7.73
C LEU A 246 -1.82 10.65 7.47
N ASP A 247 -2.61 10.39 8.50
CA ASP A 247 -3.86 9.68 8.31
C ASP A 247 -4.93 10.66 7.78
N THR A 248 -6.08 10.12 7.39
CA THR A 248 -7.23 10.91 6.94
C THR A 248 -8.47 10.19 7.47
N PRO A 249 -9.39 10.90 8.18
CA PRO A 249 -9.31 12.33 8.50
C PRO A 249 -8.35 12.58 9.64
N ARG A 250 -8.02 13.85 9.81
CA ARG A 250 -7.07 14.28 10.81
C ARG A 250 -7.34 15.75 11.12
N PRO A 251 -6.85 16.23 12.27
CA PRO A 251 -7.07 17.64 12.65
C PRO A 251 -5.97 18.50 12.03
N ASP A 252 -5.90 19.76 12.40
CA ASP A 252 -4.86 20.66 11.91
C ASP A 252 -3.50 20.08 12.33
N ASP A 253 -2.44 20.39 11.59
CA ASP A 253 -1.11 19.90 11.95
C ASP A 253 -0.75 20.51 13.31
N GLY A 254 -0.02 19.75 14.13
CA GLY A 254 0.41 20.21 15.45
C GLY A 254 -0.73 20.32 16.46
N SER A 255 -1.91 19.99 16.00
CA SER A 255 -3.14 20.08 16.77
C SER A 255 -3.20 19.18 17.99
N ILE A 256 -2.52 18.05 17.96
CA ILE A 256 -2.58 17.12 19.08
C ILE A 256 -1.59 17.43 20.19
N ALA A 257 -2.12 17.64 21.38
CA ALA A 257 -1.31 17.97 22.52
C ALA A 257 -0.72 16.73 23.17
N GLY A 258 0.24 16.95 24.06
CA GLY A 258 0.80 15.83 24.80
C GLY A 258 2.08 15.31 24.22
N PRO A 259 2.60 14.19 24.76
CA PRO A 259 3.84 13.63 24.21
C PRO A 259 3.56 12.84 22.94
N CYS A 260 4.63 12.41 22.26
CA CYS A 260 4.56 11.63 21.02
C CYS A 260 3.50 10.53 21.03
N GLU A 261 3.30 9.91 22.17
CA GLU A 261 2.38 8.80 22.28
C GLU A 261 0.92 9.14 22.47
N SER A 262 0.57 10.42 22.45
CA SER A 262 -0.83 10.81 22.62
C SER A 262 -1.64 10.50 21.37
N ASN A 263 -2.81 9.90 21.55
CA ASN A 263 -3.69 9.55 20.44
C ASN A 263 -4.43 10.77 19.91
N GLY A 264 -4.87 11.61 20.85
CA GLY A 264 -5.69 12.75 20.50
C GLY A 264 -7.11 12.21 20.31
N ASP A 265 -7.95 12.97 19.64
CA ASP A 265 -9.31 12.49 19.41
C ASP A 265 -9.20 11.30 18.44
N LYS A 266 -10.11 10.35 18.58
CA LYS A 266 -10.13 9.17 17.75
C LYS A 266 -10.06 9.44 16.25
N TRP A 267 -10.86 10.41 15.80
CA TRP A 267 -10.96 10.76 14.39
C TRP A 267 -11.23 9.46 13.64
N LEU A 268 -12.33 8.81 14.03
CA LEU A 268 -12.75 7.53 13.48
C LEU A 268 -12.49 7.35 12.00
N GLY A 269 -11.61 6.40 11.69
CA GLY A 269 -11.34 6.13 10.30
C GLY A 269 -9.87 6.22 9.98
N GLY A 270 -9.58 6.13 8.69
CA GLY A 270 -8.21 6.19 8.25
C GLY A 270 -8.08 5.92 6.76
N ILE A 271 -6.86 5.63 6.35
CA ILE A 271 -6.55 5.33 4.97
C ILE A 271 -5.15 4.75 4.89
N LYS A 272 -4.94 3.90 3.90
CA LYS A 272 -3.62 3.32 3.65
C LYS A 272 -2.77 4.47 3.11
N GLY A 273 -1.57 4.63 3.65
CA GLY A 273 -0.71 5.72 3.21
C GLY A 273 0.61 5.32 2.56
N GLY A 274 1.02 6.12 1.58
CA GLY A 274 2.25 5.85 0.89
C GLY A 274 3.45 6.08 1.79
N PHE A 275 4.49 5.26 1.59
CA PHE A 275 5.71 5.36 2.38
C PHE A 275 6.80 4.52 1.71
N VAL A 276 7.93 5.14 1.42
CA VAL A 276 9.05 4.45 0.80
C VAL A 276 10.36 5.09 1.25
N HIS A 277 11.42 4.29 1.23
CA HIS A 277 12.74 4.74 1.68
C HIS A 277 13.72 5.17 0.59
N GLN A 278 14.65 6.04 0.96
CA GLN A 278 15.74 6.48 0.09
C GLN A 278 17.04 6.22 0.89
N ARG A 279 17.64 5.06 0.66
CA ARG A 279 18.87 4.69 1.37
C ARG A 279 20.14 5.22 0.74
N MET A 280 20.89 5.97 1.54
CA MET A 280 22.18 6.54 1.15
C MET A 280 23.20 5.96 2.14
N ALA A 281 24.49 6.00 1.82
CA ALA A 281 25.49 5.43 2.73
C ALA A 281 25.40 6.14 4.10
N SER A 282 25.25 7.44 4.00
CA SER A 282 25.19 8.37 5.12
C SER A 282 23.87 8.74 5.78
N LYS A 283 22.82 8.73 4.98
CA LYS A 283 21.53 9.23 5.43
C LYS A 283 20.35 8.37 5.00
N ILE A 284 19.22 8.50 5.68
CA ILE A 284 18.04 7.79 5.22
C ILE A 284 16.93 8.79 4.95
N GLY A 285 16.42 8.71 3.74
CA GLY A 285 15.31 9.55 3.35
C GLY A 285 14.03 8.76 3.52
N ARG A 286 13.06 9.33 4.22
CA ARG A 286 11.78 8.67 4.39
C ARG A 286 10.69 9.48 3.67
N TRP A 287 10.15 8.91 2.60
CA TRP A 287 9.12 9.61 1.84
C TRP A 287 7.69 9.18 2.21
N TYR A 288 6.85 10.16 2.49
CA TYR A 288 5.46 9.92 2.89
C TYR A 288 4.51 10.67 1.97
N SER A 289 3.32 10.12 1.80
CA SER A 289 2.30 10.78 1.01
C SER A 289 1.05 10.81 1.89
N ARG A 290 0.24 11.84 1.71
CA ARG A 290 -0.99 11.98 2.51
C ARG A 290 -1.98 12.86 1.74
N THR A 291 -3.27 12.65 1.94
CA THR A 291 -4.29 13.43 1.22
C THR A 291 -4.16 14.92 1.48
N MET A 292 -4.54 15.72 0.48
CA MET A 292 -4.49 17.16 0.60
C MET A 292 -5.60 17.61 1.54
N SER A 293 -6.81 17.10 1.33
CA SER A 293 -7.94 17.44 2.18
C SER A 293 -7.78 16.64 3.50
N LYS A 294 -8.05 17.31 4.62
CA LYS A 294 -7.91 16.74 5.96
C LYS A 294 -8.99 15.75 6.29
N THR A 295 -10.15 15.91 5.65
CA THR A 295 -11.33 15.09 5.93
C THR A 295 -11.77 14.15 4.82
N ASN A 296 -11.35 14.44 3.59
CA ASN A 296 -11.76 13.64 2.46
C ASN A 296 -10.58 13.11 1.66
N ARG A 297 -10.79 12.01 0.93
CA ARG A 297 -9.74 11.41 0.12
C ARG A 297 -9.60 12.12 -1.22
N MET A 298 -9.30 13.42 -1.16
CA MET A 298 -9.12 14.24 -2.36
C MET A 298 -7.70 14.77 -2.32
N GLY A 299 -6.99 14.72 -3.44
CA GLY A 299 -5.64 15.20 -3.48
C GLY A 299 -4.62 14.28 -2.81
N MET A 300 -3.35 14.55 -3.07
CA MET A 300 -2.25 13.80 -2.51
C MET A 300 -0.98 14.66 -2.50
N GLU A 301 -0.37 14.77 -1.32
CA GLU A 301 0.85 15.53 -1.11
C GLU A 301 2.03 14.62 -0.85
N LEU A 302 3.22 15.08 -1.21
CA LEU A 302 4.47 14.34 -0.98
C LEU A 302 5.29 14.99 0.14
N TYR A 303 5.78 14.19 1.09
CA TYR A 303 6.58 14.71 2.20
C TYR A 303 7.87 13.93 2.39
N VAL A 304 8.91 14.62 2.83
CA VAL A 304 10.16 13.93 3.07
C VAL A 304 10.74 14.30 4.41
N ARG A 305 11.63 13.45 4.89
CA ARG A 305 12.31 13.69 6.15
C ARG A 305 13.55 12.85 6.11
N TYR A 306 14.69 13.48 6.35
CA TYR A 306 15.93 12.72 6.37
C TYR A 306 16.37 12.48 7.80
N ASP A 307 16.64 11.22 8.11
CA ASP A 307 17.08 10.81 9.43
C ASP A 307 16.11 11.15 10.53
N GLY A 308 16.57 10.98 11.77
CA GLY A 308 15.71 11.22 12.92
C GLY A 308 15.08 9.90 13.29
N ASP A 309 14.17 9.95 14.25
CA ASP A 309 13.47 8.76 14.70
C ASP A 309 12.00 9.10 14.56
N PRO A 310 11.27 8.39 13.68
CA PRO A 310 9.84 8.67 13.51
C PRO A 310 9.06 8.63 14.82
N TRP A 311 9.53 7.83 15.76
CA TRP A 311 8.88 7.69 17.05
C TRP A 311 9.04 8.88 18.00
N THR A 312 10.18 9.56 17.92
CA THR A 312 10.46 10.67 18.82
C THR A 312 10.60 12.07 18.20
N ASP A 313 10.48 12.17 16.88
CA ASP A 313 10.64 13.43 16.17
C ASP A 313 9.31 14.15 15.98
N SER A 314 9.11 15.20 16.73
CA SER A 314 7.87 15.97 16.67
C SER A 314 7.86 16.95 15.52
N ASP A 315 9.02 17.15 14.90
CA ASP A 315 9.13 18.11 13.81
C ASP A 315 8.24 17.83 12.63
N ALA A 316 7.88 18.90 11.92
CA ALA A 316 7.09 18.74 10.73
C ALA A 316 7.96 18.11 9.62
N LEU A 317 7.30 17.39 8.73
CA LEU A 317 7.92 16.79 7.58
C LEU A 317 8.03 17.92 6.55
N THR A 318 8.86 17.76 5.54
CA THR A 318 8.98 18.79 4.56
C THR A 318 8.07 18.54 3.37
N LEU A 319 7.23 19.53 3.06
CA LEU A 319 6.36 19.42 1.90
C LEU A 319 7.28 19.28 0.68
N SER A 320 7.04 18.26 -0.13
CA SER A 320 7.86 18.05 -1.31
C SER A 320 7.09 18.19 -2.64
N GLY A 321 5.78 18.46 -2.55
CA GLY A 321 5.02 18.64 -3.77
C GLY A 321 3.61 18.07 -3.82
N VAL A 322 2.79 18.65 -4.69
CA VAL A 322 1.42 18.19 -4.90
C VAL A 322 1.41 17.19 -6.07
N MET A 323 1.20 15.92 -5.77
CA MET A 323 1.12 14.90 -6.81
C MET A 323 -0.30 14.92 -7.42
N VAL A 324 -1.30 15.19 -6.58
CA VAL A 324 -2.69 15.24 -7.01
C VAL A 324 -3.36 16.45 -6.32
N SER A 325 -4.08 17.27 -7.08
CA SER A 325 -4.76 18.44 -6.53
C SER A 325 -6.05 18.09 -5.80
N ILE A 326 -6.60 19.04 -5.03
CA ILE A 326 -7.81 18.77 -4.25
C ILE A 326 -9.03 18.38 -5.06
N GLU A 327 -9.02 18.63 -6.37
CA GLU A 327 -10.18 18.30 -7.20
C GLU A 327 -10.14 16.92 -7.81
N GLU A 328 -9.06 16.20 -7.55
CA GLU A 328 -8.91 14.85 -8.06
C GLU A 328 -8.91 13.89 -6.89
N PRO A 329 -9.34 12.64 -7.13
CA PRO A 329 -9.38 11.65 -6.05
C PRO A 329 -7.99 11.26 -5.55
N GLY A 330 -7.88 11.06 -4.25
CA GLY A 330 -6.63 10.63 -3.64
C GLY A 330 -6.98 9.60 -2.59
N TRP A 331 -6.99 8.32 -2.96
CA TRP A 331 -7.32 7.25 -2.02
C TRP A 331 -6.08 6.54 -1.49
N TYR A 332 -6.00 5.21 -1.64
CA TYR A 332 -4.82 4.50 -1.12
C TYR A 332 -3.52 4.88 -1.83
N SER A 333 -2.42 4.87 -1.08
CA SER A 333 -1.10 5.13 -1.65
C SER A 333 -0.16 4.06 -1.06
N PHE A 334 0.87 3.71 -1.80
CA PHE A 334 1.79 2.67 -1.37
C PHE A 334 3.18 3.00 -1.86
N GLY A 335 4.15 2.21 -1.42
CA GLY A 335 5.50 2.40 -1.89
C GLY A 335 5.94 1.11 -2.55
N PHE A 336 6.92 1.22 -3.43
CA PHE A 336 7.51 0.09 -4.10
C PHE A 336 8.84 0.57 -4.64
N GLU A 337 9.67 -0.35 -5.11
CA GLU A 337 10.96 0.04 -5.63
C GLU A 337 11.30 -0.68 -6.92
N ILE A 338 11.70 0.08 -7.93
CA ILE A 338 12.08 -0.54 -9.19
C ILE A 338 13.55 -0.88 -9.00
N LYS A 339 13.98 -2.04 -9.50
CA LYS A 339 15.37 -2.45 -9.39
C LYS A 339 16.12 -2.04 -10.66
N ASP A 340 17.00 -1.06 -10.55
CA ASP A 340 17.80 -0.61 -11.69
C ASP A 340 19.05 -1.49 -11.69
N LYS A 341 19.93 -1.29 -12.65
CA LYS A 341 21.14 -2.13 -12.75
C LYS A 341 21.94 -2.28 -11.47
N LYS A 342 22.25 -1.17 -10.80
CA LYS A 342 23.02 -1.25 -9.55
C LYS A 342 22.26 -0.77 -8.30
N CYS A 343 21.32 0.15 -8.47
CA CYS A 343 20.59 0.71 -7.33
C CYS A 343 19.08 0.60 -7.47
N ASP A 344 18.40 0.93 -6.37
CA ASP A 344 16.94 0.88 -6.29
C ASP A 344 16.28 2.26 -6.37
N VAL A 345 15.24 2.36 -7.19
CA VAL A 345 14.47 3.59 -7.35
C VAL A 345 13.19 3.52 -6.52
N PRO A 346 13.03 4.40 -5.52
CA PRO A 346 11.82 4.39 -4.68
C PRO A 346 10.69 5.10 -5.39
N CYS A 347 9.47 4.58 -5.29
CA CYS A 347 8.32 5.21 -5.93
C CYS A 347 7.10 5.17 -5.03
N ILE A 348 6.17 6.08 -5.26
CA ILE A 348 4.92 6.09 -4.50
C ILE A 348 3.77 6.03 -5.53
N GLY A 349 2.83 5.12 -5.28
CA GLY A 349 1.69 4.99 -6.17
C GLY A 349 0.45 5.53 -5.47
N ILE A 350 -0.44 6.10 -6.24
CA ILE A 350 -1.68 6.64 -5.70
C ILE A 350 -2.90 6.04 -6.38
N GLU A 351 -3.76 5.41 -5.60
CA GLU A 351 -5.00 4.87 -6.14
C GLU A 351 -6.00 6.02 -6.29
N MET A 352 -6.41 6.26 -7.53
CA MET A 352 -7.36 7.31 -7.81
C MET A 352 -8.71 6.71 -8.14
N VAL A 353 -9.53 6.56 -7.10
CA VAL A 353 -10.84 5.96 -7.20
C VAL A 353 -11.88 6.84 -7.85
N HIS A 354 -12.67 6.22 -8.74
CA HIS A 354 -13.77 6.88 -9.44
C HIS A 354 -15.04 6.54 -8.66
N ASP A 355 -15.41 7.41 -7.74
CA ASP A 355 -16.59 7.16 -6.92
C ASP A 355 -17.77 7.97 -7.46
N GLY A 356 -18.89 7.29 -7.65
CA GLY A 356 -20.09 7.94 -8.11
C GLY A 356 -21.25 7.35 -7.32
N GLY A 357 -20.94 6.71 -6.19
CA GLY A 357 -21.97 6.09 -5.36
C GLY A 357 -22.09 4.58 -5.56
N LYS A 358 -23.10 4.00 -4.92
CA LYS A 358 -23.32 2.56 -4.99
C LYS A 358 -24.10 2.15 -6.24
N ASP A 359 -24.73 3.13 -6.89
CA ASP A 359 -25.54 2.86 -8.07
C ASP A 359 -24.88 3.04 -9.43
N THR A 360 -23.59 2.68 -9.49
CA THR A 360 -22.78 2.75 -10.72
C THR A 360 -21.45 2.08 -10.40
N TRP A 361 -20.66 1.81 -11.44
CA TRP A 361 -19.38 1.16 -11.23
C TRP A 361 -18.47 1.98 -10.30
N HIS A 362 -17.52 1.28 -9.69
CA HIS A 362 -16.59 1.85 -8.73
C HIS A 362 -15.21 1.24 -9.01
N SER A 363 -14.35 1.96 -9.72
CA SER A 363 -13.02 1.42 -10.02
C SER A 363 -11.92 2.45 -9.77
N ALA A 364 -10.68 2.12 -10.12
CA ALA A 364 -9.58 3.05 -9.85
C ALA A 364 -8.49 3.17 -10.91
N ALA A 365 -7.84 4.32 -10.87
CA ALA A 365 -6.70 4.63 -11.71
C ALA A 365 -5.50 4.55 -10.76
N THR A 366 -4.30 4.43 -11.33
CA THR A 366 -3.09 4.37 -10.52
C THR A 366 -2.04 5.31 -11.06
N ALA A 367 -1.68 6.31 -10.27
CA ALA A 367 -0.66 7.28 -10.63
C ALA A 367 0.70 6.89 -10.00
N ILE A 368 1.79 7.07 -10.74
CA ILE A 368 3.11 6.72 -10.24
C ILE A 368 4.10 7.90 -10.24
N TYR A 369 4.78 8.09 -9.11
CA TYR A 369 5.79 9.12 -8.97
C TYR A 369 7.02 8.40 -8.46
N CYS A 370 8.18 8.70 -9.04
CA CYS A 370 9.41 8.06 -8.63
C CYS A 370 10.48 9.10 -8.47
N LEU A 371 11.48 8.75 -7.67
CA LEU A 371 12.63 9.59 -7.43
C LEU A 371 13.38 9.62 -8.76
N MET A 372 13.69 10.82 -9.20
CA MET A 372 14.44 11.01 -10.42
C MET A 372 14.93 12.45 -10.59
N GLY A 373 16.25 12.58 -10.69
CA GLY A 373 16.88 13.88 -10.86
C GLY A 373 16.74 14.77 -9.66
N SER A 374 16.79 16.08 -9.85
CA SER A 374 16.69 16.98 -8.74
C SER A 374 15.78 18.17 -9.01
N GLY A 375 15.77 19.10 -8.07
CA GLY A 375 14.94 20.27 -8.21
C GLY A 375 13.64 20.02 -7.48
N GLN A 376 12.54 20.60 -7.95
CA GLN A 376 11.26 20.42 -7.28
C GLN A 376 10.29 19.55 -8.09
N LEU A 377 9.29 18.96 -7.42
CA LEU A 377 8.27 18.14 -8.09
C LEU A 377 7.53 19.07 -9.06
N LEU A 378 7.50 18.71 -10.34
CA LEU A 378 6.95 19.58 -11.39
C LEU A 378 5.47 19.56 -11.82
N TRP A 379 4.84 18.38 -11.93
CA TRP A 379 3.44 18.36 -12.38
C TRP A 379 2.57 17.38 -11.61
N ASP A 380 1.26 17.56 -11.66
CA ASP A 380 0.32 16.68 -10.96
C ASP A 380 -0.36 15.70 -11.93
N THR A 381 -1.13 14.76 -11.39
CA THR A 381 -1.83 13.75 -12.17
C THR A 381 -3.36 13.89 -12.09
N VAL A 382 -4.00 13.81 -13.26
CA VAL A 382 -5.45 13.83 -13.34
C VAL A 382 -5.84 12.49 -13.95
N THR A 383 -7.00 11.94 -13.62
CA THR A 383 -7.34 10.64 -14.20
C THR A 383 -7.85 10.82 -15.63
N GLY A 384 -8.52 11.94 -15.86
CA GLY A 384 -9.05 12.27 -17.18
C GLY A 384 -10.35 11.55 -17.52
N VAL A 385 -10.84 10.72 -16.60
CA VAL A 385 -12.06 9.95 -16.83
C VAL A 385 -13.36 10.65 -16.46
N ASP A 386 -14.32 10.57 -17.37
CA ASP A 386 -15.65 11.12 -17.17
C ASP A 386 -16.54 9.91 -16.88
N MET A 387 -17.07 9.84 -15.67
CA MET A 387 -17.88 8.71 -15.25
C MET A 387 -19.22 8.58 -15.97
N ALA A 388 -19.66 9.64 -16.64
CA ALA A 388 -20.95 9.59 -17.35
C ALA A 388 -20.92 8.82 -18.66
N LEU A 389 -19.72 8.57 -19.18
CA LEU A 389 -19.57 7.88 -20.47
C LEU A 389 -19.51 6.36 -20.43
C6 IBA B . -11.17 -1.96 1.62
C5 IBA B . -11.18 -2.60 2.89
C4 IBA B . -11.36 -1.83 4.07
C3 IBA B . -11.51 -0.42 3.95
C2 IBA B . -11.50 0.20 2.68
C7 IBA B . -11.33 -0.58 1.53
C1 IBA B . -11.63 1.66 2.60
O21 IBA B . -11.19 2.35 3.66
O20 IBA B . -12.05 2.18 1.63
N4 IBA B . -11.36 -2.48 5.27
C8 IBA B . -11.44 -1.84 6.59
C11 IBA B . -10.03 -1.83 7.22
C9 IBA B . -12.50 -2.60 7.44
C12 IBA B . -9.65 -0.49 7.88
C10 IBA B . -12.18 -4.09 7.71
N5 IBA B . -10.99 -3.98 2.94
C13 IBA B . -9.71 -4.69 2.60
C14 IBA B . -9.88 -6.00 3.40
C15 IBA B . -11.39 -6.25 3.56
C16 IBA B . -11.91 -4.85 3.40
O13 IBA B . -13.07 -4.56 3.69
C18 IBA B . -9.55 -4.96 1.04
O18 IBA B . -10.81 -5.29 0.45
C17 IBA B . -8.44 -3.95 3.10
N17 IBA B . -8.34 -3.62 4.53
#